data_8W3P
#
_entry.id   8W3P
#
_cell.length_a   170.713
_cell.length_b   170.713
_cell.length_c   170.713
_cell.angle_alpha   90.000
_cell.angle_beta   90.000
_cell.angle_gamma   90.000
#
_symmetry.space_group_name_H-M   'P 41 3 2'
#
loop_
_entity.id
_entity.type
_entity.pdbx_description
1 polymer 'prefusion-stabilized RSV F protein UFCR3-D(1TD0)'
2 non-polymer 2-acetamido-2-deoxy-beta-D-glucopyranose
#
_entity_poly.entity_id   1
_entity_poly.type   'polypeptide(L)'
_entity_poly.pdbx_seq_one_letter_code
;MGILPSPGMPALLSLVSLLSVLLMGCVAEQNITEEFYQSTCSAVSKGYLSALRTGWYTSVITIELSNIKENKCNGTDAKV
KLIKQELDKYKNAVTDLQLLMQSTPATGSGSGSGSAIASGVAVCKVLHLEGEVNKIKSALLSTNKCVVSLSNGVSVLCSK
VLDLKNYIDKQLLPIVNKQSCSIPNIETVIEFQQKNNRLLEITREFSVNAGVTTPVSTYMLTNSELLSLINDMPITNDQK
KLMSNNVQIVRQQSYSIMCIIKEEVLAYVVQLPLYGVIDTPCWKLHTSPLCTTNTKEGSNICLTRTDRGWYCDNAGSVSF
FPQAETCKVQSNRVFCDTMNSLTLPSEVNLCNVDIFNPKYDCKIMTSKTDVSSSVITSLGAIVSCYGKTKCTASNKNRGI
IKTFSNGCDYVSNKGVDTVSVGNTLYYVNKQEGKSLYVKGEPIINFYDPLVFPSDEFDASISQVNEKINQSLAFIRKSDE
LLASGGGGSEVRIFAGNDPAHTATGSSGISSPTPALTPLMLDEATGKLVVWDGQKAGSAVGILVLPLEGTETALTYYKSG
TFATEAIHWPESVDEHKKANAFAGSALSHA
;
_entity_poly.pdbx_strand_id   F
#
# COMPACT_ATOMS: atom_id res chain seq x y z
N GLN A 30 15.24 0.08 15.83
CA GLN A 30 14.72 -0.15 17.19
C GLN A 30 14.48 1.18 17.93
N ASN A 31 15.54 2.00 18.07
CA ASN A 31 15.39 3.27 18.77
C ASN A 31 15.07 4.38 17.75
N ILE A 32 13.88 4.97 17.86
CA ILE A 32 13.36 6.10 17.06
C ILE A 32 13.77 7.47 17.60
N THR A 33 14.35 8.33 16.76
CA THR A 33 14.70 9.68 17.22
C THR A 33 14.18 10.76 16.27
N GLU A 34 14.17 12.01 16.73
CA GLU A 34 13.71 13.14 15.91
C GLU A 34 14.63 14.33 16.07
N GLU A 35 14.64 15.17 15.03
CA GLU A 35 15.44 16.38 15.00
C GLU A 35 14.64 17.51 14.38
N PHE A 36 14.34 18.56 15.16
CA PHE A 36 13.65 19.73 14.61
C PHE A 36 14.66 20.85 14.26
N TYR A 37 14.57 21.39 13.04
CA TYR A 37 15.48 22.42 12.57
C TYR A 37 14.71 23.72 12.56
N GLN A 38 15.00 24.56 13.55
CA GLN A 38 14.32 25.84 13.63
C GLN A 38 14.63 26.70 12.42
N SER A 39 15.78 26.50 11.79
CA SER A 39 16.13 27.37 10.68
C SER A 39 15.28 27.14 9.43
N THR A 40 14.80 25.91 9.18
CA THR A 40 14.07 25.61 7.95
C THR A 40 12.64 25.15 8.21
N CYS A 41 12.21 25.13 9.48
CA CYS A 41 10.87 24.72 9.88
C CYS A 41 10.53 23.33 9.38
N SER A 42 11.46 22.41 9.63
CA SER A 42 11.32 21.04 9.18
C SER A 42 11.92 20.13 10.24
N ALA A 43 11.44 18.89 10.30
CA ALA A 43 11.88 17.88 11.24
C ALA A 43 12.11 16.54 10.55
N VAL A 44 13.06 15.77 11.07
CA VAL A 44 13.37 14.46 10.51
C VAL A 44 13.28 13.39 11.57
N SER A 45 12.44 12.38 11.31
CA SER A 45 12.27 11.22 12.20
C SER A 45 13.16 10.10 11.66
N LYS A 46 14.20 9.75 12.42
CA LYS A 46 15.19 8.73 12.07
C LYS A 46 14.98 7.42 12.85
N GLY A 47 15.69 6.37 12.40
CA GLY A 47 15.72 5.09 13.11
C GLY A 47 14.84 3.97 12.57
N TYR A 48 14.14 4.20 11.49
CA TYR A 48 13.25 3.21 10.95
C TYR A 48 13.99 2.22 10.04
N LEU A 49 13.58 0.96 10.06
CA LEU A 49 14.14 -0.05 9.17
C LEU A 49 13.21 -0.30 7.99
N SER A 50 13.78 -0.83 6.93
CA SER A 50 13.12 -0.80 5.64
C SER A 50 12.65 -2.15 5.12
N ALA A 51 11.55 -2.13 4.36
CA ALA A 51 11.14 -3.27 3.55
C ALA A 51 10.44 -2.74 2.30
N LEU A 52 11.21 -2.67 1.22
CA LEU A 52 10.77 -2.14 -0.05
C LEU A 52 10.36 -3.26 -1.01
N ARG A 53 9.21 -3.13 -1.63
CA ARG A 53 8.83 -4.12 -2.62
C ARG A 53 9.55 -3.87 -3.93
N THR A 54 10.25 -4.88 -4.41
CA THR A 54 10.98 -4.79 -5.66
C THR A 54 10.60 -5.87 -6.65
N GLY A 55 9.94 -6.94 -6.20
CA GLY A 55 9.57 -8.01 -7.10
C GLY A 55 8.21 -8.59 -6.72
N TRP A 56 7.78 -9.52 -7.55
CA TRP A 56 6.53 -10.20 -7.37
C TRP A 56 6.75 -11.72 -7.38
N TYR A 57 5.98 -12.44 -6.56
CA TYR A 57 5.97 -13.91 -6.56
C TYR A 57 4.60 -14.35 -6.98
N THR A 58 4.51 -14.94 -8.15
CA THR A 58 3.19 -15.35 -8.57
C THR A 58 3.01 -16.78 -8.09
N SER A 59 1.76 -17.13 -7.81
CA SER A 59 1.45 -18.48 -7.37
C SER A 59 0.04 -18.82 -7.88
N VAL A 60 -0.17 -20.05 -8.32
CA VAL A 60 -1.47 -20.43 -8.86
C VAL A 60 -2.34 -21.10 -7.80
N ILE A 61 -3.57 -20.63 -7.65
CA ILE A 61 -4.54 -21.20 -6.74
C ILE A 61 -5.66 -21.76 -7.59
N THR A 62 -5.84 -23.08 -7.51
CA THR A 62 -6.81 -23.87 -8.26
C THR A 62 -7.93 -24.41 -7.37
N ILE A 63 -9.08 -24.56 -8.01
CA ILE A 63 -10.29 -25.17 -7.48
C ILE A 63 -10.76 -26.23 -8.47
N GLU A 64 -10.73 -27.49 -8.05
CA GLU A 64 -11.14 -28.59 -8.91
C GLU A 64 -12.68 -28.58 -9.06
N LEU A 65 -13.17 -28.34 -10.27
CA LEU A 65 -14.61 -28.24 -10.49
C LEU A 65 -15.20 -29.50 -11.13
N SER A 66 -16.54 -29.55 -11.10
CA SER A 66 -17.28 -30.68 -11.61
C SER A 66 -18.04 -30.29 -12.87
N ASN A 67 -17.72 -30.95 -13.96
CA ASN A 67 -18.37 -30.75 -15.24
C ASN A 67 -19.65 -31.56 -15.24
N ILE A 68 -20.74 -30.93 -14.86
CA ILE A 68 -22.03 -31.60 -14.84
C ILE A 68 -22.91 -30.68 -15.65
N LYS A 69 -23.93 -31.26 -16.24
CA LYS A 69 -24.91 -30.49 -16.98
C LYS A 69 -26.20 -30.63 -16.22
N GLU A 70 -27.18 -29.75 -16.50
CA GLU A 70 -28.39 -29.79 -15.69
C GLU A 70 -29.07 -31.12 -15.91
N ASN A 71 -29.55 -31.71 -14.82
CA ASN A 71 -30.24 -32.97 -14.91
C ASN A 71 -31.59 -32.89 -14.16
N LYS A 72 -32.55 -32.22 -14.79
CA LYS A 72 -33.89 -32.07 -14.24
C LYS A 72 -34.51 -33.45 -14.04
N CYS A 73 -35.01 -33.75 -12.84
CA CYS A 73 -35.68 -35.03 -12.63
C CYS A 73 -37.01 -34.81 -11.94
N ASN A 74 -37.83 -35.87 -11.95
CA ASN A 74 -39.10 -35.80 -11.23
C ASN A 74 -38.70 -35.54 -9.77
N GLY A 75 -38.90 -34.32 -9.31
CA GLY A 75 -38.57 -33.94 -7.94
C GLY A 75 -39.65 -33.15 -7.24
N THR A 76 -39.95 -33.52 -5.99
CA THR A 76 -41.07 -32.86 -5.27
C THR A 76 -40.69 -32.54 -3.82
N ASP A 77 -40.24 -33.52 -3.04
CA ASP A 77 -40.01 -33.29 -1.62
C ASP A 77 -38.85 -32.29 -1.45
N ALA A 78 -38.93 -31.53 -0.35
CA ALA A 78 -38.10 -30.33 -0.22
C ALA A 78 -36.60 -30.60 -0.30
N LYS A 79 -36.12 -31.81 0.04
CA LYS A 79 -34.67 -32.00 0.00
C LYS A 79 -34.13 -31.96 -1.43
N VAL A 80 -34.86 -32.49 -2.41
CA VAL A 80 -34.42 -32.37 -3.79
C VAL A 80 -34.52 -30.92 -4.27
N LYS A 81 -35.58 -30.19 -3.90
CA LYS A 81 -35.65 -28.79 -4.32
C LYS A 81 -34.47 -27.97 -3.80
N LEU A 82 -34.11 -28.14 -2.51
CA LEU A 82 -33.00 -27.37 -1.95
C LEU A 82 -31.68 -27.74 -2.64
N ILE A 83 -31.48 -29.03 -2.90
CA ILE A 83 -30.27 -29.48 -3.57
C ILE A 83 -30.22 -28.89 -4.98
N LYS A 84 -31.33 -28.93 -5.73
CA LYS A 84 -31.34 -28.38 -7.09
C LYS A 84 -31.14 -26.87 -7.11
N GLN A 85 -31.63 -26.15 -6.09
CA GLN A 85 -31.39 -24.72 -5.99
C GLN A 85 -29.89 -24.41 -5.78
N GLU A 86 -29.27 -25.09 -4.82
CA GLU A 86 -27.83 -24.86 -4.59
C GLU A 86 -27.02 -25.31 -5.81
N LEU A 87 -27.49 -26.31 -6.54
CA LEU A 87 -26.77 -26.72 -7.74
C LEU A 87 -26.87 -25.65 -8.83
N ASP A 88 -28.00 -24.93 -8.88
CA ASP A 88 -28.10 -23.85 -9.86
C ASP A 88 -27.19 -22.69 -9.49
N LYS A 89 -27.02 -22.42 -8.18
CA LYS A 89 -26.05 -21.39 -7.83
C LYS A 89 -24.63 -21.78 -8.22
N TYR A 90 -24.31 -23.07 -8.20
CA TYR A 90 -23.01 -23.51 -8.72
C TYR A 90 -22.92 -23.31 -10.24
N LYS A 91 -24.01 -23.52 -10.96
CA LYS A 91 -23.96 -23.40 -12.42
C LYS A 91 -23.81 -21.94 -12.84
N ASN A 92 -24.61 -21.04 -12.22
CA ASN A 92 -24.49 -19.62 -12.56
CA ASN A 92 -24.49 -19.63 -12.56
C ASN A 92 -23.13 -19.07 -12.14
N ALA A 93 -22.54 -19.60 -11.06
CA ALA A 93 -21.20 -19.16 -10.72
C ALA A 93 -20.18 -19.56 -11.78
N VAL A 94 -20.34 -20.74 -12.37
CA VAL A 94 -19.39 -21.12 -13.41
C VAL A 94 -19.59 -20.28 -14.67
N THR A 95 -20.85 -20.04 -15.08
CA THR A 95 -21.05 -19.23 -16.29
C THR A 95 -20.66 -17.77 -16.08
N ASP A 96 -20.80 -17.25 -14.86
CA ASP A 96 -20.37 -15.89 -14.54
C ASP A 96 -18.84 -15.78 -14.64
N LEU A 97 -18.13 -16.83 -14.18
CA LEU A 97 -16.68 -16.88 -14.32
C LEU A 97 -16.27 -17.02 -15.77
N GLN A 98 -17.15 -17.57 -16.58
CA GLN A 98 -16.84 -17.74 -17.99
C GLN A 98 -16.94 -16.40 -18.71
N LEU A 99 -17.98 -15.61 -18.45
CA LEU A 99 -17.96 -14.32 -19.14
C LEU A 99 -16.90 -13.40 -18.54
N LEU A 100 -16.41 -13.69 -17.33
CA LEU A 100 -15.31 -12.90 -16.80
C LEU A 100 -13.99 -13.19 -17.50
N MET A 101 -13.75 -14.43 -17.98
CA MET A 101 -12.44 -14.67 -18.64
C MET A 101 -12.47 -14.36 -20.13
N GLN A 102 -13.68 -14.28 -20.73
CA GLN A 102 -13.84 -13.79 -22.10
C GLN A 102 -13.35 -12.37 -22.26
N SER A 103 -13.06 -11.72 -21.16
CA SER A 103 -12.54 -10.38 -21.22
C SER A 103 -11.43 -10.26 -20.19
N THR A 104 -10.18 -10.31 -20.62
CA THR A 104 -9.06 -10.04 -19.67
C THR A 104 -8.76 -8.55 -19.80
N PRO A 105 -9.26 -7.68 -18.90
CA PRO A 105 -9.13 -6.23 -19.08
C PRO A 105 -7.74 -5.64 -18.78
N ALA A 106 -7.00 -6.24 -17.85
CA ALA A 106 -5.64 -5.81 -17.55
C ALA A 106 -5.74 -4.38 -17.02
N THR A 107 -6.87 -4.13 -16.32
CA THR A 107 -7.29 -2.87 -15.71
C THR A 107 -6.50 -2.51 -14.46
N GLY A 108 -5.76 -3.47 -13.88
CA GLY A 108 -4.91 -3.16 -12.73
C GLY A 108 -3.71 -2.31 -13.13
N SER A 109 -3.65 -1.08 -12.61
CA SER A 109 -2.58 -0.12 -12.88
C SER A 109 -2.59 0.39 -14.32
N GLY A 110 -1.44 0.39 -15.02
CA GLY A 110 -1.39 0.94 -16.35
C GLY A 110 -1.36 2.46 -16.34
N SER A 111 -1.14 3.04 -15.14
CA SER A 111 -1.01 4.45 -14.77
C SER A 111 0.29 5.15 -15.14
N GLY A 112 0.87 4.82 -16.30
CA GLY A 112 2.15 5.43 -16.64
C GLY A 112 3.35 4.82 -15.95
N SER A 113 3.18 4.28 -14.73
CA SER A 113 4.16 3.37 -14.13
C SER A 113 4.01 1.92 -14.62
N GLY A 114 3.14 1.67 -15.60
CA GLY A 114 2.91 0.31 -16.10
C GLY A 114 1.77 -0.36 -15.36
N SER A 115 1.68 -1.68 -15.53
CA SER A 115 0.79 -2.47 -14.68
C SER A 115 1.58 -3.05 -13.53
N ALA A 116 0.97 -3.05 -12.35
CA ALA A 116 1.51 -3.82 -11.26
C ALA A 116 1.27 -5.29 -11.49
N ILE A 117 0.07 -5.65 -11.91
CA ILE A 117 -0.30 -7.04 -12.12
C ILE A 117 0.40 -7.61 -13.34
N ALA A 118 1.23 -6.82 -14.01
CA ALA A 118 1.86 -7.28 -15.24
C ALA A 118 2.48 -8.67 -15.08
N SER A 119 3.22 -8.89 -14.00
CA SER A 119 3.86 -10.19 -13.81
CA SER A 119 3.87 -10.19 -13.80
C SER A 119 2.83 -11.31 -13.69
N GLY A 120 1.80 -11.11 -12.86
CA GLY A 120 0.76 -12.12 -12.73
C GLY A 120 0.02 -12.37 -14.04
N VAL A 121 -0.17 -11.32 -14.85
CA VAL A 121 -0.84 -11.50 -16.13
C VAL A 121 -0.02 -12.42 -17.00
N ALA A 122 1.31 -12.36 -16.87
CA ALA A 122 2.16 -13.24 -17.68
C ALA A 122 1.87 -14.70 -17.40
N VAL A 123 1.44 -15.02 -16.18
CA VAL A 123 1.14 -16.42 -15.92
C VAL A 123 -0.20 -16.79 -16.54
N CYS A 124 -1.17 -15.88 -16.53
CA CYS A 124 -2.46 -16.23 -17.12
C CYS A 124 -2.36 -16.49 -18.61
N LYS A 125 -1.48 -15.78 -19.33
CA LYS A 125 -1.43 -16.07 -20.75
C LYS A 125 -0.87 -17.48 -21.00
N VAL A 126 -0.02 -17.98 -20.09
CA VAL A 126 0.52 -19.34 -20.20
C VAL A 126 -0.56 -20.38 -19.93
N LEU A 127 -1.45 -20.10 -18.98
CA LEU A 127 -2.51 -21.07 -18.66
C LEU A 127 -3.45 -21.29 -19.83
N HIS A 128 -3.60 -20.31 -20.69
CA HIS A 128 -4.45 -20.51 -21.86
C HIS A 128 -3.82 -21.49 -22.87
N LEU A 129 -2.52 -21.83 -22.72
CA LEU A 129 -1.91 -22.83 -23.59
C LEU A 129 -2.42 -24.24 -23.33
N GLU A 130 -2.40 -25.03 -24.39
CA GLU A 130 -2.88 -26.40 -24.38
C GLU A 130 -1.96 -27.30 -23.60
N GLY A 131 -2.52 -28.03 -22.65
CA GLY A 131 -1.66 -28.89 -21.92
C GLY A 131 -1.18 -28.23 -20.68
N GLU A 132 -1.40 -26.93 -20.59
CA GLU A 132 -0.88 -26.19 -19.46
C GLU A 132 -1.79 -26.39 -18.27
N VAL A 133 -3.11 -26.40 -18.47
CA VAL A 133 -3.97 -26.71 -17.34
C VAL A 133 -3.74 -28.16 -16.93
N ASN A 134 -3.34 -29.01 -17.87
CA ASN A 134 -3.04 -30.40 -17.56
C ASN A 134 -1.79 -30.59 -16.72
N LYS A 135 -0.81 -29.68 -16.77
CA LYS A 135 0.39 -29.88 -15.97
C LYS A 135 0.10 -29.61 -14.50
N ILE A 136 -0.48 -28.46 -14.18
CA ILE A 136 -0.82 -28.27 -12.78
C ILE A 136 -1.87 -29.28 -12.32
N LYS A 137 -2.78 -29.72 -13.21
CA LYS A 137 -3.77 -30.72 -12.79
C LYS A 137 -3.12 -32.07 -12.51
N SER A 138 -1.98 -32.34 -13.17
CA SER A 138 -1.24 -33.58 -12.97
C SER A 138 -0.32 -33.46 -11.76
N ALA A 139 0.27 -32.29 -11.55
CA ALA A 139 1.13 -32.17 -10.39
C ALA A 139 0.25 -32.26 -9.15
N LEU A 140 -0.97 -31.70 -9.23
CA LEU A 140 -1.92 -31.80 -8.13
C LEU A 140 -2.84 -33.00 -8.28
N LEU A 141 -2.37 -34.06 -8.93
CA LEU A 141 -3.16 -35.26 -9.06
C LEU A 141 -3.01 -36.10 -7.79
N SER A 142 -1.83 -35.99 -7.15
CA SER A 142 -1.48 -36.81 -6.00
C SER A 142 -1.27 -36.01 -4.73
N THR A 143 -0.88 -34.74 -4.83
CA THR A 143 -0.64 -33.98 -3.61
C THR A 143 -1.52 -32.73 -3.71
N ASN A 144 -1.71 -32.02 -2.60
CA ASN A 144 -2.45 -30.75 -2.63
C ASN A 144 -1.59 -29.56 -3.06
N LYS A 145 -0.33 -29.52 -2.59
CA LYS A 145 0.62 -28.45 -2.88
C LYS A 145 1.81 -28.95 -3.70
N CYS A 146 2.11 -28.28 -4.82
CA CYS A 146 3.23 -28.72 -5.65
C CYS A 146 4.06 -27.51 -6.08
N VAL A 147 5.08 -27.81 -6.89
CA VAL A 147 5.75 -26.84 -7.77
C VAL A 147 5.64 -27.32 -9.21
N VAL A 148 5.32 -26.41 -10.12
CA VAL A 148 5.13 -26.74 -11.52
C VAL A 148 5.97 -25.78 -12.36
N SER A 149 6.76 -26.36 -13.24
CA SER A 149 7.55 -25.63 -14.22
C SER A 149 6.70 -25.46 -15.48
N LEU A 150 6.32 -24.21 -15.75
CA LEU A 150 5.48 -23.96 -16.91
C LEU A 150 6.33 -23.99 -18.17
N SER A 151 5.67 -23.82 -19.33
CA SER A 151 6.36 -23.84 -20.62
C SER A 151 6.91 -22.48 -21.02
N ASN A 152 7.22 -21.66 -20.05
CA ASN A 152 7.81 -20.36 -20.31
C ASN A 152 8.92 -20.09 -19.31
N GLY A 153 9.37 -21.11 -18.57
CA GLY A 153 10.46 -20.96 -17.62
C GLY A 153 10.12 -20.44 -16.24
N VAL A 154 8.85 -20.25 -15.93
CA VAL A 154 8.46 -19.72 -14.62
C VAL A 154 8.06 -20.92 -13.78
N SER A 155 8.78 -21.11 -12.67
CA SER A 155 8.54 -22.15 -11.67
C SER A 155 7.59 -21.68 -10.57
N VAL A 156 6.28 -21.86 -10.80
CA VAL A 156 5.24 -21.35 -9.90
C VAL A 156 4.85 -22.43 -8.91
N LEU A 157 4.34 -21.99 -7.77
CA LEU A 157 3.93 -22.93 -6.70
C LEU A 157 2.43 -23.12 -6.80
N CYS A 158 1.96 -24.36 -6.88
CA CYS A 158 0.51 -24.61 -7.11
C CYS A 158 -0.19 -24.96 -5.80
N SER A 159 -1.41 -24.47 -5.61
CA SER A 159 -2.20 -24.80 -4.43
C SER A 159 -3.61 -25.18 -4.88
N LYS A 160 -4.21 -26.16 -4.19
CA LYS A 160 -5.56 -26.65 -4.52
C LYS A 160 -6.40 -26.46 -3.28
N VAL A 161 -7.14 -25.36 -3.21
CA VAL A 161 -7.84 -25.04 -1.97
C VAL A 161 -9.25 -25.62 -1.77
N LEU A 162 -9.93 -26.08 -2.83
CA LEU A 162 -11.29 -26.60 -2.70
C LEU A 162 -11.49 -27.70 -3.74
N ASP A 163 -12.16 -28.79 -3.37
CA ASP A 163 -12.37 -29.91 -4.30
C ASP A 163 -13.87 -30.19 -4.42
N LEU A 164 -14.48 -29.53 -5.40
CA LEU A 164 -15.88 -29.74 -5.72
C LEU A 164 -16.09 -30.86 -6.72
N LYS A 165 -15.11 -31.19 -7.57
CA LYS A 165 -15.32 -32.32 -8.47
C LYS A 165 -15.48 -33.60 -7.68
N ASN A 166 -14.68 -33.76 -6.63
CA ASN A 166 -14.78 -34.95 -5.82
C ASN A 166 -16.12 -35.03 -5.09
N TYR A 167 -16.61 -33.91 -4.60
CA TYR A 167 -17.85 -33.93 -3.83
C TYR A 167 -19.08 -34.06 -4.71
N ILE A 168 -19.13 -33.37 -5.84
CA ILE A 168 -20.32 -33.45 -6.69
C ILE A 168 -20.38 -34.82 -7.36
N ASP A 169 -19.24 -35.32 -7.86
CA ASP A 169 -19.27 -36.59 -8.60
C ASP A 169 -19.47 -37.78 -7.68
N LYS A 170 -19.10 -37.69 -6.40
CA LYS A 170 -19.26 -38.84 -5.51
C LYS A 170 -20.54 -38.82 -4.67
N GLN A 171 -20.98 -37.65 -4.17
CA GLN A 171 -22.10 -37.57 -3.24
C GLN A 171 -23.41 -37.06 -3.83
N LEU A 172 -23.36 -36.34 -4.94
CA LEU A 172 -24.50 -35.66 -5.56
C LEU A 172 -25.00 -36.33 -6.84
N LEU A 173 -24.12 -36.81 -7.70
CA LEU A 173 -24.54 -37.42 -8.94
C LEU A 173 -25.41 -38.66 -8.72
N PRO A 174 -25.11 -39.57 -7.77
CA PRO A 174 -26.04 -40.68 -7.52
C PRO A 174 -27.43 -40.24 -7.08
N ILE A 175 -27.63 -38.99 -6.66
CA ILE A 175 -28.96 -38.52 -6.28
C ILE A 175 -29.70 -37.99 -7.49
N VAL A 176 -29.01 -37.31 -8.41
CA VAL A 176 -29.67 -36.69 -9.55
C VAL A 176 -29.49 -37.47 -10.85
N ASN A 177 -28.63 -38.51 -10.88
CA ASN A 177 -28.36 -39.27 -12.11
C ASN A 177 -29.52 -40.12 -12.61
N LYS A 178 -30.24 -40.78 -11.71
CA LYS A 178 -31.37 -41.62 -12.11
C LYS A 178 -32.53 -40.90 -12.79
N GLN A 179 -33.60 -41.65 -13.09
CA GLN A 179 -34.83 -41.07 -13.66
C GLN A 179 -35.59 -40.25 -12.62
N SER A 180 -35.81 -40.82 -11.45
CA SER A 180 -36.38 -40.04 -10.36
C SER A 180 -35.30 -39.90 -9.31
N CYS A 181 -35.27 -38.71 -8.73
CA CYS A 181 -34.23 -38.34 -7.80
C CYS A 181 -34.30 -39.15 -6.50
N SER A 182 -33.13 -39.59 -6.03
CA SER A 182 -33.10 -40.17 -4.70
C SER A 182 -33.16 -39.07 -3.66
N ILE A 183 -33.61 -39.43 -2.46
CA ILE A 183 -33.81 -38.46 -1.39
C ILE A 183 -32.50 -38.31 -0.63
N PRO A 184 -31.86 -37.16 -0.68
CA PRO A 184 -30.65 -36.92 0.08
C PRO A 184 -31.02 -36.49 1.49
N ASN A 185 -30.11 -36.81 2.41
CA ASN A 185 -30.30 -36.47 3.81
C ASN A 185 -30.08 -34.97 4.00
N ILE A 186 -30.65 -34.40 5.07
CA ILE A 186 -30.50 -32.97 5.30
C ILE A 186 -29.04 -32.60 5.57
N GLU A 187 -28.25 -33.57 6.04
CA GLU A 187 -26.82 -33.38 6.25
C GLU A 187 -26.11 -33.13 4.93
N THR A 188 -26.53 -33.78 3.87
CA THR A 188 -25.89 -33.53 2.58
C THR A 188 -26.21 -32.11 2.09
N VAL A 189 -27.44 -31.66 2.30
CA VAL A 189 -27.81 -30.31 1.88
C VAL A 189 -26.95 -29.28 2.59
N ILE A 190 -26.72 -29.48 3.88
CA ILE A 190 -25.92 -28.50 4.61
C ILE A 190 -24.44 -28.59 4.26
N GLU A 191 -23.89 -29.80 4.13
CA GLU A 191 -22.48 -29.90 3.79
C GLU A 191 -22.21 -29.33 2.41
N PHE A 192 -23.20 -29.41 1.51
CA PHE A 192 -22.98 -28.85 0.19
C PHE A 192 -23.07 -27.33 0.20
N GLN A 193 -23.90 -26.74 1.05
CA GLN A 193 -23.87 -25.28 1.11
C GLN A 193 -22.56 -24.77 1.71
N GLN A 194 -21.97 -25.54 2.61
CA GLN A 194 -20.68 -25.11 3.19
C GLN A 194 -19.56 -25.20 2.15
N LYS A 195 -19.48 -26.31 1.38
CA LYS A 195 -18.38 -26.33 0.41
C LYS A 195 -18.59 -25.34 -0.74
N ASN A 196 -19.81 -25.20 -1.24
CA ASN A 196 -20.03 -24.32 -2.38
C ASN A 196 -19.87 -22.85 -2.01
N ASN A 197 -19.89 -22.51 -0.71
CA ASN A 197 -19.88 -21.10 -0.30
C ASN A 197 -18.61 -20.38 -0.75
N ARG A 198 -17.44 -21.00 -0.58
CA ARG A 198 -16.24 -20.29 -0.96
C ARG A 198 -16.20 -20.00 -2.46
N LEU A 199 -16.73 -20.89 -3.28
CA LEU A 199 -16.78 -20.60 -4.72
C LEU A 199 -17.69 -19.42 -5.00
N LEU A 200 -18.84 -19.39 -4.33
CA LEU A 200 -19.78 -18.30 -4.62
C LEU A 200 -19.20 -16.95 -4.20
N GLU A 201 -18.49 -16.89 -3.08
CA GLU A 201 -17.95 -15.60 -2.69
C GLU A 201 -16.79 -15.20 -3.61
N ILE A 202 -16.04 -16.17 -4.12
CA ILE A 202 -14.97 -15.77 -5.00
C ILE A 202 -15.54 -15.21 -6.29
N THR A 203 -16.58 -15.82 -6.84
CA THR A 203 -17.15 -15.21 -8.05
C THR A 203 -17.76 -13.83 -7.75
N ARG A 204 -18.21 -13.58 -6.52
CA ARG A 204 -18.85 -12.27 -6.25
C ARG A 204 -17.78 -11.19 -6.24
N GLU A 205 -16.61 -11.48 -5.65
CA GLU A 205 -15.56 -10.47 -5.68
C GLU A 205 -15.02 -10.31 -7.08
N PHE A 206 -14.83 -11.40 -7.78
CA PHE A 206 -14.26 -11.25 -9.11
C PHE A 206 -15.26 -10.54 -10.02
N SER A 207 -16.56 -10.62 -9.76
CA SER A 207 -17.49 -9.95 -10.66
C SER A 207 -17.48 -8.44 -10.47
N VAL A 208 -17.48 -7.97 -9.22
CA VAL A 208 -17.54 -6.51 -9.04
C VAL A 208 -16.21 -5.82 -9.37
N ASN A 209 -15.09 -6.55 -9.44
CA ASN A 209 -13.79 -5.92 -9.66
C ASN A 209 -13.14 -6.27 -10.99
N ALA A 210 -13.89 -6.78 -11.94
CA ALA A 210 -13.37 -7.01 -13.28
C ALA A 210 -12.14 -7.91 -13.25
N GLY A 211 -12.18 -8.95 -12.41
CA GLY A 211 -11.14 -9.98 -12.34
C GLY A 211 -9.87 -9.67 -11.57
N VAL A 212 -9.65 -8.45 -11.10
CA VAL A 212 -8.43 -8.10 -10.38
C VAL A 212 -8.74 -7.48 -9.02
N THR A 213 -8.45 -8.18 -7.94
CA THR A 213 -8.76 -7.70 -6.59
C THR A 213 -7.53 -7.42 -5.77
N THR A 214 -7.63 -6.38 -4.93
CA THR A 214 -6.62 -6.03 -3.94
C THR A 214 -7.25 -5.22 -2.82
N PRO A 215 -7.00 -5.57 -1.54
CA PRO A 215 -6.19 -6.67 -1.06
C PRO A 215 -6.84 -8.03 -1.34
N VAL A 216 -6.05 -9.06 -1.07
CA VAL A 216 -6.47 -10.45 -1.24
C VAL A 216 -7.23 -10.83 0.04
N SER A 217 -8.53 -11.11 -0.10
CA SER A 217 -9.43 -11.42 1.02
C SER A 217 -9.21 -12.85 1.52
N THR A 218 -9.80 -13.15 2.69
CA THR A 218 -9.70 -14.52 3.20
C THR A 218 -10.44 -15.53 2.33
N TYR A 219 -11.40 -15.08 1.52
CA TYR A 219 -12.00 -15.98 0.55
C TYR A 219 -11.02 -16.35 -0.55
N MET A 220 -10.24 -15.37 -1.03
CA MET A 220 -9.22 -15.68 -2.02
C MET A 220 -8.12 -16.56 -1.43
N LEU A 221 -7.70 -16.27 -0.18
CA LEU A 221 -6.60 -17.03 0.45
C LEU A 221 -6.69 -16.95 1.98
N THR A 222 -6.94 -18.07 2.67
CA THR A 222 -7.02 -18.03 4.15
C THR A 222 -5.66 -17.71 4.72
N ASN A 223 -5.66 -17.15 5.93
CA ASN A 223 -4.39 -16.87 6.60
C ASN A 223 -3.56 -18.15 6.69
N SER A 224 -4.24 -19.27 6.91
CA SER A 224 -3.57 -20.56 6.93
C SER A 224 -2.96 -20.91 5.58
N GLU A 225 -3.68 -20.67 4.46
CA GLU A 225 -3.06 -20.99 3.16
C GLU A 225 -1.93 -20.03 2.82
N LEU A 226 -2.02 -18.78 3.27
CA LEU A 226 -1.01 -17.77 2.99
C LEU A 226 0.27 -18.12 3.71
N LEU A 227 0.16 -18.52 4.98
CA LEU A 227 1.33 -18.91 5.75
C LEU A 227 1.98 -20.15 5.14
N SER A 228 1.17 -21.12 4.66
CA SER A 228 1.77 -22.26 3.97
C SER A 228 2.46 -21.85 2.67
N LEU A 229 1.96 -20.83 1.96
CA LEU A 229 2.69 -20.39 0.75
C LEU A 229 3.96 -19.66 1.12
N ILE A 230 3.96 -18.92 2.21
CA ILE A 230 5.17 -18.22 2.61
C ILE A 230 6.23 -19.23 3.00
N ASN A 231 5.86 -20.29 3.70
CA ASN A 231 6.91 -21.21 4.14
C ASN A 231 7.59 -21.90 2.98
N ASP A 232 6.90 -22.05 1.85
CA ASP A 232 7.46 -22.78 0.72
C ASP A 232 8.16 -21.88 -0.28
N MET A 233 8.39 -20.72 0.04
CA MET A 233 8.99 -19.94 -1.03
C MET A 233 10.50 -20.10 -1.05
N PRO A 234 11.13 -20.00 -2.26
CA PRO A 234 12.59 -20.05 -2.39
C PRO A 234 13.23 -18.74 -1.96
N ILE A 235 12.99 -18.38 -0.70
CA ILE A 235 13.51 -17.18 -0.09
C ILE A 235 14.20 -17.56 1.21
N THR A 236 14.97 -16.61 1.73
CA THR A 236 15.72 -16.89 2.93
C THR A 236 14.76 -17.07 4.10
N ASN A 237 15.24 -17.71 5.16
CA ASN A 237 14.41 -17.87 6.35
C ASN A 237 14.14 -16.56 7.06
N ASP A 238 15.06 -15.61 7.02
CA ASP A 238 14.77 -14.30 7.63
C ASP A 238 13.68 -13.56 6.87
N GLN A 239 13.50 -13.85 5.59
CA GLN A 239 12.46 -13.17 4.86
C GLN A 239 11.12 -13.84 5.10
N LYS A 240 11.13 -15.15 5.36
CA LYS A 240 9.89 -15.81 5.72
C LYS A 240 9.41 -15.31 7.08
N LYS A 241 10.35 -15.08 8.03
CA LYS A 241 9.96 -14.52 9.32
C LYS A 241 9.42 -13.11 9.17
N LEU A 242 9.93 -12.39 8.17
CA LEU A 242 9.48 -11.02 7.96
C LEU A 242 8.06 -10.97 7.40
N MET A 243 7.80 -11.75 6.35
CA MET A 243 6.47 -11.73 5.79
C MET A 243 5.44 -12.37 6.71
N SER A 244 5.84 -13.36 7.51
CA SER A 244 4.89 -14.03 8.40
C SER A 244 4.53 -13.20 9.59
N ASN A 245 5.42 -12.30 10.01
CA ASN A 245 5.03 -11.45 11.13
C ASN A 245 4.23 -10.25 10.69
N ASN A 246 4.12 -10.02 9.39
CA ASN A 246 3.34 -8.89 8.92
C ASN A 246 2.37 -9.34 7.82
N VAL A 247 1.56 -10.35 8.10
CA VAL A 247 0.66 -10.87 7.06
C VAL A 247 -0.37 -9.83 6.68
N GLN A 248 -0.73 -8.95 7.60
CA GLN A 248 -1.74 -7.97 7.24
C GLN A 248 -1.19 -7.02 6.19
N ILE A 249 0.09 -6.64 6.35
CA ILE A 249 0.74 -5.78 5.37
C ILE A 249 0.91 -6.52 4.06
N VAL A 250 1.21 -7.80 4.13
CA VAL A 250 1.32 -8.59 2.93
C VAL A 250 -0.01 -8.67 2.18
N ARG A 251 -1.13 -8.87 2.89
CA ARG A 251 -2.40 -8.90 2.17
C ARG A 251 -2.69 -7.58 1.50
N GLN A 252 -2.45 -6.47 2.21
CA GLN A 252 -2.77 -5.18 1.64
C GLN A 252 -1.92 -4.82 0.46
N GLN A 253 -0.77 -5.46 0.28
CA GLN A 253 0.08 -5.19 -0.85
C GLN A 253 0.06 -6.34 -1.83
N SER A 254 -1.04 -7.06 -1.92
CA SER A 254 -1.09 -8.19 -2.84
C SER A 254 -2.21 -8.04 -3.85
N TYR A 255 -2.14 -8.85 -4.90
CA TYR A 255 -3.17 -8.85 -5.92
C TYR A 255 -3.64 -10.27 -6.18
N SER A 256 -4.92 -10.41 -6.49
CA SER A 256 -5.53 -11.66 -6.92
C SER A 256 -6.08 -11.47 -8.32
N ILE A 257 -5.56 -12.22 -9.28
CA ILE A 257 -5.92 -12.03 -10.68
C ILE A 257 -6.64 -13.26 -11.20
N MET A 258 -7.77 -13.06 -11.81
CA MET A 258 -8.50 -14.17 -12.36
C MET A 258 -7.93 -14.56 -13.70
N CYS A 259 -7.64 -15.85 -13.80
CA CYS A 259 -7.07 -16.61 -14.92
C CYS A 259 -8.08 -17.33 -15.79
N ILE A 260 -8.26 -18.63 -15.57
CA ILE A 260 -9.05 -19.41 -16.50
C ILE A 260 -9.99 -20.43 -15.85
N ILE A 261 -11.11 -20.72 -16.56
CA ILE A 261 -12.01 -21.81 -16.23
C ILE A 261 -11.80 -22.82 -17.36
N LYS A 262 -11.21 -23.96 -17.06
CA LYS A 262 -10.90 -24.83 -18.18
C LYS A 262 -10.66 -26.26 -17.71
N GLU A 263 -11.30 -27.25 -18.33
CA GLU A 263 -11.00 -28.64 -18.04
C GLU A 263 -11.15 -28.99 -16.56
N GLU A 264 -12.33 -28.68 -16.01
CA GLU A 264 -12.72 -29.03 -14.64
C GLU A 264 -11.73 -28.43 -13.64
N VAL A 265 -11.13 -27.28 -13.98
CA VAL A 265 -10.16 -26.60 -13.13
C VAL A 265 -10.41 -25.11 -13.20
N LEU A 266 -10.50 -24.49 -12.05
CA LEU A 266 -10.57 -23.04 -11.92
C LEU A 266 -9.25 -22.53 -11.37
N ALA A 267 -8.56 -21.70 -12.13
CA ALA A 267 -7.26 -21.23 -11.70
C ALA A 267 -7.26 -19.70 -11.66
N TYR A 268 -6.61 -19.15 -10.63
CA TYR A 268 -6.43 -17.70 -10.52
C TYR A 268 -5.10 -17.49 -9.80
N VAL A 269 -4.42 -16.39 -10.15
CA VAL A 269 -3.06 -16.13 -9.67
C VAL A 269 -3.05 -15.15 -8.53
N VAL A 270 -2.31 -15.49 -7.48
CA VAL A 270 -2.01 -14.59 -6.38
C VAL A 270 -0.58 -14.08 -6.47
N GLN A 271 -0.43 -12.74 -6.47
CA GLN A 271 0.84 -12.04 -6.58
C GLN A 271 1.28 -11.50 -5.23
N LEU A 272 2.20 -12.05 -4.69
CA LEU A 272 2.62 -11.64 -3.37
C LEU A 272 3.87 -10.77 -3.48
N PRO A 273 4.07 -9.82 -2.59
CA PRO A 273 5.20 -8.92 -2.72
C PRO A 273 6.50 -9.62 -2.32
N LEU A 274 7.58 -9.22 -3.01
CA LEU A 274 8.95 -9.70 -2.69
C LEU A 274 9.73 -8.47 -2.26
N TYR A 275 10.36 -8.54 -1.10
CA TYR A 275 11.05 -7.35 -0.57
C TYR A 275 12.55 -7.46 -0.86
N GLY A 276 13.01 -6.88 -1.97
CA GLY A 276 14.44 -6.89 -2.25
C GLY A 276 15.33 -5.99 -1.40
N VAL A 277 14.80 -4.95 -0.79
CA VAL A 277 15.60 -4.10 0.08
C VAL A 277 15.13 -4.31 1.50
N ILE A 278 16.00 -4.77 2.38
CA ILE A 278 15.51 -5.12 3.75
C ILE A 278 16.45 -4.53 4.81
N ASP A 279 15.90 -4.13 5.95
CA ASP A 279 16.71 -3.59 7.08
C ASP A 279 17.68 -2.54 6.60
N THR A 280 17.17 -1.56 5.86
CA THR A 280 18.01 -0.47 5.36
C THR A 280 17.55 0.85 6.03
N PRO A 281 18.40 1.87 6.29
CA PRO A 281 17.95 3.08 7.01
C PRO A 281 16.88 3.91 6.30
N CYS A 282 15.91 4.36 7.07
CA CYS A 282 14.82 5.16 6.56
C CYS A 282 14.57 6.32 7.50
N TRP A 283 14.13 7.44 6.95
CA TRP A 283 13.75 8.57 7.77
C TRP A 283 12.61 9.26 7.09
N LYS A 284 11.87 10.05 7.87
CA LYS A 284 10.69 10.76 7.39
C LYS A 284 10.85 12.25 7.58
N LEU A 285 10.71 12.99 6.49
CA LEU A 285 10.84 14.44 6.48
C LEU A 285 9.47 15.07 6.69
N HIS A 286 9.38 16.02 7.64
CA HIS A 286 8.18 16.79 7.90
C HIS A 286 8.45 18.27 7.63
N THR A 287 7.57 18.93 6.87
CA THR A 287 7.78 20.34 6.52
C THR A 287 6.58 21.21 6.86
N SER A 288 6.86 22.49 7.14
CA SER A 288 5.82 23.45 7.50
C SER A 288 6.23 24.84 7.05
N PRO A 289 5.26 25.72 6.74
CA PRO A 289 5.60 27.05 6.22
C PRO A 289 6.42 27.88 7.19
N LEU A 290 7.41 28.57 6.65
CA LEU A 290 8.31 29.45 7.43
C LEU A 290 8.14 30.87 6.93
N CYS A 291 7.37 31.66 7.66
CA CYS A 291 7.07 33.03 7.27
C CYS A 291 7.71 34.03 8.20
N THR A 292 7.70 35.29 7.75
CA THR A 292 8.11 36.40 8.57
C THR A 292 6.93 36.89 9.41
N THR A 293 7.27 37.60 10.48
CA THR A 293 6.29 37.99 11.48
C THR A 293 6.19 39.51 11.48
N ASN A 294 6.09 40.11 10.29
CA ASN A 294 5.83 41.52 10.33
C ASN A 294 4.37 41.72 10.72
N THR A 295 4.10 42.88 11.27
CA THR A 295 2.79 43.19 11.83
C THR A 295 1.89 43.81 10.79
N LYS A 296 2.44 44.05 9.59
CA LYS A 296 1.78 44.70 8.47
C LYS A 296 1.15 43.65 7.58
N GLU A 297 -0.19 43.65 7.48
CA GLU A 297 -0.83 42.65 6.63
C GLU A 297 -0.53 42.90 5.16
N GLY A 298 -0.20 41.84 4.40
CA GLY A 298 0.29 42.07 3.06
C GLY A 298 1.79 42.15 2.89
N SER A 299 2.56 42.13 3.97
CA SER A 299 4.01 42.25 3.91
C SER A 299 4.77 41.02 4.32
N ASN A 300 4.15 39.86 4.33
CA ASN A 300 4.92 38.75 4.82
C ASN A 300 5.16 37.79 3.69
N ILE A 301 6.33 37.15 3.75
CA ILE A 301 6.73 36.19 2.74
C ILE A 301 6.99 34.85 3.40
N CYS A 302 6.66 33.79 2.67
CA CYS A 302 6.75 32.42 3.24
C CYS A 302 7.69 31.53 2.43
N LEU A 303 8.10 30.40 3.01
CA LEU A 303 9.07 29.46 2.39
C LEU A 303 8.72 28.09 2.96
N THR A 304 8.64 27.03 2.15
CA THR A 304 8.40 25.68 2.69
C THR A 304 9.26 24.65 1.97
N ARG A 305 10.17 23.96 2.68
CA ARG A 305 10.90 22.86 2.04
C ARG A 305 9.93 21.91 1.36
N THR A 306 10.34 21.39 0.23
CA THR A 306 9.47 20.51 -0.49
C THR A 306 9.97 19.10 -0.36
N ASP A 307 9.25 18.20 -1.01
CA ASP A 307 9.58 16.79 -1.01
C ASP A 307 9.57 16.26 0.42
N ARG A 308 8.43 16.40 1.04
CA ARG A 308 8.25 15.81 2.34
C ARG A 308 7.80 14.38 2.16
N GLY A 309 8.20 13.51 3.09
CA GLY A 309 7.77 12.10 2.92
C GLY A 309 8.82 11.12 3.44
N TRP A 310 8.80 9.90 2.89
CA TRP A 310 9.71 8.85 3.33
C TRP A 310 10.96 8.79 2.43
N TYR A 311 12.13 8.72 3.04
CA TYR A 311 13.38 8.50 2.35
C TYR A 311 14.07 7.24 2.86
N CYS A 312 14.54 6.36 1.97
CA CYS A 312 15.25 5.14 2.38
C CYS A 312 16.49 4.89 1.55
N ASP A 313 17.56 4.46 2.20
CA ASP A 313 18.75 4.05 1.47
C ASP A 313 18.46 2.81 0.64
N ASN A 314 18.86 2.85 -0.62
CA ASN A 314 18.57 1.78 -1.57
C ASN A 314 19.68 1.79 -2.60
N ALA A 315 20.60 0.81 -2.51
CA ALA A 315 21.60 0.56 -3.56
C ALA A 315 22.45 1.80 -3.86
N GLY A 316 23.01 2.39 -2.80
CA GLY A 316 23.87 3.53 -2.96
C GLY A 316 23.15 4.84 -3.21
N SER A 317 21.83 4.80 -3.39
CA SER A 317 21.04 6.00 -3.56
C SER A 317 19.98 6.04 -2.50
N VAL A 318 19.12 7.03 -2.62
CA VAL A 318 17.99 7.16 -1.74
C VAL A 318 16.71 7.03 -2.55
N SER A 319 15.82 6.16 -2.12
CA SER A 319 14.52 6.01 -2.73
C SER A 319 13.58 6.90 -1.94
N PHE A 320 13.04 7.91 -2.61
CA PHE A 320 12.10 8.87 -2.06
C PHE A 320 10.67 8.54 -2.43
N PHE A 321 9.76 8.61 -1.45
CA PHE A 321 8.34 8.29 -1.68
C PHE A 321 7.43 9.50 -1.42
N PRO A 322 6.99 10.18 -2.48
CA PRO A 322 6.19 11.39 -2.29
C PRO A 322 4.75 11.10 -1.88
N GLN A 323 4.13 10.05 -2.44
CA GLN A 323 2.76 9.73 -2.11
C GLN A 323 2.69 9.18 -0.69
N ALA A 324 1.64 9.56 0.05
CA ALA A 324 1.62 9.20 1.47
C ALA A 324 1.20 7.77 1.73
N GLU A 325 0.34 7.22 0.90
CA GLU A 325 -0.20 5.88 1.06
C GLU A 325 0.64 4.82 0.40
N THR A 326 1.74 5.20 -0.25
CA THR A 326 2.57 4.18 -0.88
C THR A 326 3.50 3.54 0.11
N CYS A 327 3.44 3.99 1.38
CA CYS A 327 4.26 3.45 2.46
C CYS A 327 3.41 3.25 3.70
N LYS A 328 3.29 1.99 4.12
CA LYS A 328 2.60 1.61 5.34
C LYS A 328 3.68 1.42 6.40
N VAL A 329 3.54 1.95 7.61
CA VAL A 329 4.62 1.78 8.58
C VAL A 329 4.01 0.93 9.70
N GLN A 330 4.72 -0.15 10.05
CA GLN A 330 4.33 -0.98 11.18
C GLN A 330 5.53 -1.27 12.06
N SER A 331 5.54 -0.78 13.30
CA SER A 331 6.50 -1.22 14.32
C SER A 331 7.93 -0.98 13.85
N ASN A 332 8.26 0.28 13.59
CA ASN A 332 9.62 0.65 13.25
C ASN A 332 10.07 0.19 11.88
N ARG A 333 9.27 -0.49 11.07
CA ARG A 333 9.65 -0.80 9.70
CA ARG A 333 9.71 -0.67 9.71
C ARG A 333 8.67 -0.14 8.74
N VAL A 334 9.19 0.24 7.60
CA VAL A 334 8.41 0.88 6.57
C VAL A 334 8.25 -0.11 5.43
N PHE A 335 7.05 -0.19 4.88
CA PHE A 335 6.78 -1.10 3.78
C PHE A 335 6.32 -0.24 2.62
N CYS A 336 7.23 -0.07 1.68
CA CYS A 336 7.03 0.77 0.52
C CYS A 336 6.99 -0.01 -0.76
N ASP A 337 6.44 0.61 -1.80
CA ASP A 337 6.38 0.03 -3.13
C ASP A 337 7.23 0.92 -4.00
N THR A 338 8.26 0.35 -4.62
CA THR A 338 9.12 1.17 -5.44
C THR A 338 8.49 1.59 -6.76
N MET A 339 7.31 1.07 -7.12
CA MET A 339 6.69 1.48 -8.37
C MET A 339 6.42 2.98 -8.42
N ASN A 340 6.05 3.60 -7.31
CA ASN A 340 5.74 5.03 -7.31
C ASN A 340 6.74 5.73 -6.40
N SER A 341 8.01 5.71 -6.80
CA SER A 341 9.03 6.32 -5.95
C SER A 341 9.93 7.14 -6.85
N LEU A 342 11.02 7.63 -6.27
CA LEU A 342 11.95 8.48 -6.96
C LEU A 342 13.35 8.10 -6.51
N THR A 343 14.31 8.33 -7.37
CA THR A 343 15.68 7.97 -7.06
C THR A 343 16.46 9.25 -6.89
N LEU A 344 17.00 9.46 -5.71
CA LEU A 344 17.73 10.66 -5.43
C LEU A 344 19.16 10.33 -5.03
N PRO A 345 20.05 11.28 -5.27
CA PRO A 345 21.45 11.12 -4.87
C PRO A 345 21.55 11.01 -3.38
N SER A 346 22.57 10.30 -2.91
CA SER A 346 22.70 10.08 -1.48
C SER A 346 22.91 11.39 -0.72
N GLU A 347 23.24 12.46 -1.43
CA GLU A 347 23.46 13.84 -0.97
C GLU A 347 22.16 14.55 -0.59
N VAL A 348 20.99 13.93 -0.78
CA VAL A 348 19.74 14.60 -0.43
C VAL A 348 19.68 14.82 1.05
N ASN A 349 20.46 14.05 1.80
CA ASN A 349 20.45 14.24 3.24
C ASN A 349 21.10 15.55 3.62
N LEU A 350 21.81 16.18 2.72
CA LEU A 350 22.41 17.39 3.24
C LEU A 350 21.41 18.54 3.33
N CYS A 351 20.18 18.40 2.80
CA CYS A 351 19.21 19.48 3.04
C CYS A 351 18.75 19.47 4.49
N ASN A 352 18.90 18.33 5.15
CA ASN A 352 18.51 18.25 6.52
C ASN A 352 19.58 18.83 7.44
N VAL A 353 20.85 18.89 7.04
CA VAL A 353 21.83 19.48 7.94
C VAL A 353 22.33 20.88 7.52
N ASP A 354 22.41 21.17 6.21
CA ASP A 354 22.85 22.47 5.71
C ASP A 354 22.07 22.77 4.42
N ILE A 355 21.07 23.63 4.47
CA ILE A 355 20.27 23.77 3.27
C ILE A 355 21.00 24.66 2.26
N PHE A 356 21.96 25.45 2.70
CA PHE A 356 22.74 26.37 1.88
C PHE A 356 23.96 25.68 1.24
N ASN A 357 24.01 24.36 1.29
CA ASN A 357 25.15 23.57 0.81
C ASN A 357 25.06 23.31 -0.70
N PRO A 358 26.09 23.70 -1.46
CA PRO A 358 26.07 23.51 -2.94
C PRO A 358 26.14 22.10 -3.49
N LYS A 359 26.43 21.04 -2.73
CA LYS A 359 26.46 19.75 -3.44
C LYS A 359 25.07 19.35 -3.90
N TYR A 360 24.05 19.84 -3.21
CA TYR A 360 22.67 19.54 -3.57
C TYR A 360 21.76 20.76 -3.62
N ASP A 361 20.94 20.80 -4.68
CA ASP A 361 19.92 21.82 -5.02
C ASP A 361 18.73 21.57 -4.11
N CYS A 362 18.77 22.16 -2.92
CA CYS A 362 17.67 22.10 -1.95
C CYS A 362 16.51 22.98 -2.33
N LYS A 363 15.41 22.34 -2.71
CA LYS A 363 14.25 22.99 -3.29
C LYS A 363 13.25 23.40 -2.22
N ILE A 364 12.59 24.54 -2.47
CA ILE A 364 11.57 25.15 -1.62
C ILE A 364 10.43 25.67 -2.50
N MET A 365 9.31 26.01 -1.90
CA MET A 365 8.28 26.74 -2.62
C MET A 365 7.95 27.96 -1.76
N THR A 366 7.65 29.06 -2.42
CA THR A 366 7.42 30.33 -1.73
C THR A 366 6.03 30.87 -2.02
N SER A 367 5.56 31.73 -1.12
CA SER A 367 4.26 32.37 -1.30
C SER A 367 4.19 33.52 -0.30
N LYS A 368 3.02 34.18 -0.25
CA LYS A 368 2.70 35.22 0.73
C LYS A 368 1.44 34.90 1.53
N THR A 369 1.19 33.62 1.74
CA THR A 369 0.00 33.09 2.40
C THR A 369 0.34 32.71 3.84
N ASP A 370 0.07 33.61 4.80
CA ASP A 370 0.41 33.38 6.22
C ASP A 370 -0.78 32.75 6.90
N VAL A 371 -0.96 31.46 6.71
CA VAL A 371 -2.02 30.77 7.42
C VAL A 371 -1.40 29.83 8.45
N SER A 372 -1.96 29.84 9.67
CA SER A 372 -1.42 29.00 10.72
C SER A 372 -1.78 27.55 10.41
N SER A 373 -0.89 26.64 10.79
CA SER A 373 -1.14 25.23 10.55
C SER A 373 -0.22 24.40 11.44
N SER A 374 -0.51 23.11 11.52
CA SER A 374 0.36 22.21 12.27
C SER A 374 0.54 20.85 11.63
N VAL A 375 1.69 20.22 11.92
CA VAL A 375 2.07 18.90 11.40
C VAL A 375 2.46 18.00 12.56
N ILE A 376 1.74 16.88 12.70
CA ILE A 376 2.05 15.87 13.71
C ILE A 376 3.16 14.99 13.18
N THR A 377 4.27 15.03 13.86
CA THR A 377 5.44 14.27 13.47
C THR A 377 5.44 12.94 14.21
N SER A 378 6.57 12.24 14.15
CA SER A 378 6.67 10.94 14.79
C SER A 378 6.77 11.05 16.29
N LEU A 379 7.44 12.09 16.79
CA LEU A 379 7.66 12.27 18.22
C LEU A 379 7.23 13.63 18.71
N GLY A 380 6.43 14.36 17.96
CA GLY A 380 6.08 15.66 18.48
C GLY A 380 5.18 16.39 17.52
N ALA A 381 5.34 17.71 17.44
CA ALA A 381 4.45 18.45 16.55
C ALA A 381 5.13 19.74 16.19
N ILE A 382 5.15 20.04 14.90
CA ILE A 382 5.56 21.34 14.41
C ILE A 382 4.31 22.21 14.31
N VAL A 383 4.44 23.47 14.74
CA VAL A 383 3.35 24.43 14.73
C VAL A 383 3.84 25.71 14.05
N SER A 384 3.18 26.12 12.97
CA SER A 384 3.44 27.39 12.31
C SER A 384 2.27 28.31 12.63
N CYS A 385 2.51 29.28 13.52
CA CYS A 385 1.46 30.18 14.01
C CYS A 385 1.67 31.58 13.49
N TYR A 386 0.62 32.13 12.86
CA TYR A 386 0.71 33.47 12.31
C TYR A 386 -0.61 34.20 12.47
N GLY A 387 -0.50 35.52 12.59
CA GLY A 387 -1.67 36.36 12.71
C GLY A 387 -2.27 36.28 14.09
N LYS A 388 -3.60 36.26 14.17
CA LYS A 388 -4.30 36.16 15.43
C LYS A 388 -4.66 34.75 15.82
N THR A 389 -4.11 33.76 15.16
CA THR A 389 -4.55 32.40 15.42
C THR A 389 -4.09 32.00 16.80
N LYS A 390 -4.96 31.28 17.51
CA LYS A 390 -4.66 30.84 18.86
C LYS A 390 -4.05 29.46 18.76
N CYS A 391 -2.74 29.37 18.80
CA CYS A 391 -2.06 28.08 18.74
C CYS A 391 -1.56 27.73 20.13
N THR A 392 -1.81 26.50 20.54
CA THR A 392 -1.49 26.12 21.90
C THR A 392 -1.31 24.59 21.94
N ALA A 393 -0.65 24.10 22.98
CA ALA A 393 -0.48 22.67 23.20
C ALA A 393 -0.77 22.32 24.66
N SER A 394 -1.69 21.40 24.87
CA SER A 394 -2.16 21.07 26.20
C SER A 394 -1.94 19.59 26.53
N ASN A 395 -1.91 19.33 27.84
CA ASN A 395 -1.88 18.04 28.51
C ASN A 395 -3.26 17.72 29.10
N LYS A 396 -3.61 16.43 29.10
CA LYS A 396 -4.97 16.02 29.45
C LYS A 396 -5.35 16.43 30.88
N ASN A 397 -4.40 16.41 31.81
CA ASN A 397 -4.80 16.70 33.17
C ASN A 397 -4.37 18.07 33.68
N ARG A 398 -3.35 18.67 33.09
CA ARG A 398 -2.88 19.99 33.50
C ARG A 398 -3.47 21.11 32.67
N GLY A 399 -3.93 20.81 31.47
CA GLY A 399 -4.44 21.88 30.65
C GLY A 399 -3.37 22.41 29.73
N ILE A 400 -3.46 23.69 29.36
CA ILE A 400 -2.50 24.28 28.44
C ILE A 400 -1.14 24.37 29.09
N ILE A 401 -0.15 23.70 28.50
CA ILE A 401 1.22 23.73 29.00
C ILE A 401 2.14 24.56 28.11
N LYS A 402 1.71 24.95 26.90
CA LYS A 402 2.54 25.82 26.04
C LYS A 402 1.69 26.65 25.09
N THR A 403 1.97 27.95 25.02
CA THR A 403 1.34 28.84 24.08
C THR A 403 2.39 29.28 23.06
N PHE A 404 2.14 29.02 21.78
CA PHE A 404 3.10 29.36 20.74
C PHE A 404 3.01 30.83 20.33
N SER A 405 4.18 31.46 20.07
CA SER A 405 4.19 32.83 19.54
C SER A 405 4.20 32.80 18.02
N ASN A 406 4.24 33.99 17.43
CA ASN A 406 4.24 34.06 15.97
C ASN A 406 5.56 33.53 15.44
N GLY A 407 5.46 32.61 14.50
CA GLY A 407 6.60 31.96 13.91
C GLY A 407 6.41 30.48 13.89
N CYS A 408 7.50 29.78 13.62
CA CYS A 408 7.48 28.33 13.55
C CYS A 408 8.19 27.73 14.74
N ASP A 409 7.53 26.79 15.40
CA ASP A 409 8.08 26.14 16.58
C ASP A 409 7.75 24.65 16.56
N TYR A 410 8.18 23.97 17.64
CA TYR A 410 8.05 22.52 17.78
C TYR A 410 7.94 22.17 19.25
N VAL A 411 7.23 21.10 19.54
CA VAL A 411 7.09 20.66 20.92
C VAL A 411 7.16 19.14 20.95
N SER A 412 7.82 18.58 21.96
CA SER A 412 7.91 17.12 22.08
C SER A 412 6.61 16.55 22.64
N ASN A 413 6.40 15.24 22.43
CA ASN A 413 5.22 14.54 22.93
C ASN A 413 5.38 14.11 24.38
N LYS A 414 6.57 14.30 24.93
CA LYS A 414 6.88 13.94 26.30
C LYS A 414 6.16 14.98 27.14
N GLY A 415 5.02 14.59 27.71
CA GLY A 415 4.22 15.47 28.51
C GLY A 415 3.11 16.20 27.79
N VAL A 416 3.05 16.09 26.46
CA VAL A 416 2.05 16.75 25.61
C VAL A 416 1.04 15.75 25.08
N ASP A 417 -0.25 16.08 25.14
CA ASP A 417 -1.29 15.19 24.60
C ASP A 417 -1.95 15.72 23.33
N THR A 418 -2.34 16.99 23.30
CA THR A 418 -2.98 17.54 22.12
C THR A 418 -2.33 18.87 21.75
N VAL A 419 -2.55 19.24 20.49
CA VAL A 419 -2.10 20.53 19.96
C VAL A 419 -3.29 21.11 19.23
N SER A 420 -3.69 22.32 19.60
CA SER A 420 -4.83 22.99 18.99
C SER A 420 -4.35 24.22 18.23
N VAL A 421 -4.76 24.36 16.98
CA VAL A 421 -4.44 25.53 16.18
C VAL A 421 -5.74 26.06 15.64
N GLY A 422 -6.15 27.23 16.15
CA GLY A 422 -7.45 27.76 15.79
C GLY A 422 -8.55 26.87 16.34
N ASN A 423 -9.48 26.48 15.46
CA ASN A 423 -10.55 25.58 15.84
C ASN A 423 -10.24 24.12 15.51
N THR A 424 -8.99 23.79 15.27
CA THR A 424 -8.64 22.43 14.90
C THR A 424 -7.82 21.81 16.00
N LEU A 425 -8.14 20.57 16.39
CA LEU A 425 -7.38 19.90 17.43
C LEU A 425 -6.73 18.66 16.86
N TYR A 426 -5.40 18.59 16.94
CA TYR A 426 -4.62 17.45 16.50
C TYR A 426 -4.15 16.64 17.71
N TYR A 427 -4.09 15.31 17.56
CA TYR A 427 -3.62 14.44 18.63
C TYR A 427 -2.15 14.12 18.37
N VAL A 428 -1.31 14.33 19.37
CA VAL A 428 0.11 14.06 19.25
C VAL A 428 0.35 12.57 19.37
N ASN A 429 1.21 12.04 18.50
CA ASN A 429 1.54 10.62 18.53
C ASN A 429 2.32 10.25 19.79
N LYS A 430 1.89 9.20 20.49
CA LYS A 430 2.48 8.77 21.75
C LYS A 430 3.62 7.75 21.61
N GLN A 431 4.36 7.76 20.50
CA GLN A 431 5.48 6.84 20.29
C GLN A 431 6.65 7.27 21.18
N GLU A 432 7.36 6.30 21.77
CA GLU A 432 8.52 6.60 22.62
C GLU A 432 9.77 6.89 21.78
N GLY A 433 10.52 7.91 22.16
CA GLY A 433 11.72 8.25 21.41
C GLY A 433 12.29 9.54 21.93
N LYS A 434 13.53 9.82 21.52
CA LYS A 434 14.18 11.04 21.96
C LYS A 434 14.08 12.10 20.87
N SER A 435 13.75 13.32 21.27
CA SER A 435 13.62 14.45 20.36
C SER A 435 14.75 15.44 20.64
N LEU A 436 15.21 16.10 19.58
CA LEU A 436 16.28 17.09 19.68
C LEU A 436 15.94 18.39 18.97
N TYR A 437 15.94 19.50 19.70
CA TYR A 437 15.62 20.82 19.17
C TYR A 437 16.90 21.55 18.71
N VAL A 438 17.08 21.69 17.40
CA VAL A 438 18.24 22.36 16.82
C VAL A 438 17.92 23.84 16.57
N LYS A 439 18.36 24.71 17.50
CA LYS A 439 18.08 26.15 17.37
C LYS A 439 18.85 26.75 16.20
N GLY A 440 18.26 27.77 15.59
CA GLY A 440 18.90 28.42 14.46
C GLY A 440 18.04 29.52 13.89
N GLU A 441 18.67 30.48 13.24
CA GLU A 441 17.94 31.58 12.63
C GLU A 441 17.07 31.14 11.44
N PRO A 442 15.77 31.48 11.42
CA PRO A 442 14.94 31.17 10.23
C PRO A 442 15.44 31.85 8.97
N ILE A 443 15.68 31.06 7.93
CA ILE A 443 16.26 31.56 6.70
C ILE A 443 15.36 32.52 5.92
N ILE A 444 14.06 32.60 6.24
CA ILE A 444 13.20 33.53 5.52
C ILE A 444 13.62 34.95 5.82
N ASN A 445 14.32 35.17 6.94
CA ASN A 445 14.82 36.48 7.35
C ASN A 445 16.05 36.93 6.58
N PHE A 446 16.72 36.05 5.83
CA PHE A 446 17.89 36.45 5.03
C PHE A 446 17.50 37.01 3.68
N TYR A 447 16.22 37.15 3.40
CA TYR A 447 15.75 37.55 2.09
C TYR A 447 15.11 38.91 2.25
N ASP A 448 15.47 39.84 1.36
CA ASP A 448 14.82 41.15 1.37
C ASP A 448 13.41 40.98 0.82
N PRO A 449 12.37 41.43 1.54
CA PRO A 449 11.00 41.16 1.06
C PRO A 449 10.71 41.78 -0.30
N LEU A 450 11.19 43.00 -0.54
CA LEU A 450 10.82 43.69 -1.78
C LEU A 450 11.28 42.91 -3.01
N VAL A 451 12.52 42.38 -2.97
CA VAL A 451 13.12 41.69 -4.10
C VAL A 451 13.05 40.19 -3.79
N PHE A 452 11.83 39.64 -3.75
CA PHE A 452 11.67 38.23 -3.40
C PHE A 452 10.77 37.62 -4.47
N PRO A 453 11.04 36.39 -4.91
CA PRO A 453 10.06 35.72 -5.77
C PRO A 453 8.96 35.17 -4.90
N SER A 454 7.80 35.81 -4.88
CA SER A 454 6.78 35.39 -3.93
C SER A 454 5.78 34.40 -4.52
N ASP A 455 6.11 33.82 -5.68
CA ASP A 455 5.26 32.82 -6.32
C ASP A 455 6.10 31.71 -6.91
N GLU A 456 7.25 31.37 -6.33
CA GLU A 456 7.95 30.28 -6.95
C GLU A 456 7.53 28.95 -6.33
N PHE A 457 7.29 27.97 -7.17
CA PHE A 457 6.92 26.61 -6.79
C PHE A 457 8.07 25.72 -7.22
N ASP A 458 8.47 24.81 -6.37
CA ASP A 458 9.59 23.90 -6.64
C ASP A 458 10.88 24.62 -7.09
N ALA A 459 11.32 25.61 -6.32
CA ALA A 459 12.51 26.38 -6.69
C ALA A 459 13.67 25.92 -5.79
N SER A 460 14.87 25.89 -6.30
CA SER A 460 16.03 25.54 -5.48
C SER A 460 16.54 26.79 -4.76
N ILE A 461 17.30 26.58 -3.67
CA ILE A 461 17.87 27.69 -2.92
C ILE A 461 18.81 28.48 -3.81
N SER A 462 19.71 27.79 -4.50
CA SER A 462 20.60 28.49 -5.42
C SER A 462 19.83 29.09 -6.60
N GLN A 463 18.70 28.48 -7.01
CA GLN A 463 17.85 29.04 -8.07
C GLN A 463 17.24 30.36 -7.58
N VAL A 464 16.76 30.40 -6.33
CA VAL A 464 16.16 31.63 -5.79
C VAL A 464 17.24 32.70 -5.65
N ASN A 465 18.46 32.32 -5.22
CA ASN A 465 19.51 33.34 -5.10
C ASN A 465 19.81 33.92 -6.47
N GLU A 466 19.77 33.09 -7.53
CA GLU A 466 19.96 33.66 -8.87
C GLU A 466 18.80 34.57 -9.28
N LYS A 467 17.53 34.25 -8.93
CA LYS A 467 16.44 35.20 -9.23
C LYS A 467 16.52 36.50 -8.41
N ILE A 468 17.11 36.45 -7.21
CA ILE A 468 17.28 37.67 -6.40
C ILE A 468 18.42 38.49 -6.98
N ASN A 469 19.45 37.82 -7.48
CA ASN A 469 20.52 38.52 -8.15
C ASN A 469 19.99 39.17 -9.44
N GLN A 470 18.97 38.54 -10.08
CA GLN A 470 18.33 39.07 -11.30
C GLN A 470 17.34 40.22 -11.03
N SER A 471 16.60 40.21 -9.92
CA SER A 471 15.73 41.37 -9.69
C SER A 471 16.53 42.53 -9.11
N LEU A 472 17.67 42.25 -8.44
CA LEU A 472 18.48 43.36 -7.98
C LEU A 472 19.26 43.94 -9.16
N ALA A 473 19.59 43.11 -10.17
CA ALA A 473 20.18 43.70 -11.37
C ALA A 473 19.13 44.51 -12.15
N PHE A 474 17.82 44.08 -12.11
CA PHE A 474 16.74 44.87 -12.74
C PHE A 474 16.46 46.18 -11.99
N ILE A 475 16.87 46.32 -10.72
CA ILE A 475 16.64 47.61 -10.06
C ILE A 475 17.89 48.49 -10.08
N ARG A 476 19.10 47.89 -10.10
CA ARG A 476 20.33 48.70 -10.13
C ARG A 476 20.48 49.48 -11.45
N LYS A 477 20.26 48.80 -12.59
CA LYS A 477 20.41 49.43 -13.91
C LYS A 477 19.38 50.53 -14.22
N SER A 478 18.16 50.43 -13.71
CA SER A 478 17.14 51.47 -13.96
C SER A 478 16.90 52.40 -12.78
#